data_5W5B
#
_entry.id   5W5B
#
_cell.length_a   55.109
_cell.length_b   72.530
_cell.length_c   53.939
_cell.angle_alpha   90.000
_cell.angle_beta   90.000
_cell.angle_gamma   90.000
#
_symmetry.space_group_name_H-M   'P 21 21 2'
#
loop_
_entity.id
_entity.type
_entity.pdbx_description
1 polymer 'HTH-type transcriptional regulator Cmr'
2 non-polymer 'CHLORIDE ION'
3 water water
#
_entity_poly.entity_id   1
_entity_poly.type   'polypeptide(L)'
_entity_poly.pdbx_seq_one_letter_code
;SNA(MSE)VHAVTGGQPPSEAQVRQAAWIARCVGRGGSAPLHRDDVSALAETLQVKEFAPGAVVFHADQTADGVWIVRHG
LIELAVGSRRRRAVVNILHPGDVDGDIPLLLE(MSE)P(MSE)VYTGRALTQATCLFLDRQAFERLLATHPAIARRWLSS
VAQRVSTAQIRL(MSE)G(MSE)LGRPLPAQVAQLLLDEAIDARIELAQRTLAA(MSE)LGAQRPSINKILKEFERDRLI
TVGYAVIEITDQHGLRARAQ
;
_entity_poly.pdbx_strand_id   A
#
# COMPACT_ATOMS: atom_id res chain seq x y z
N PRO A 13 4.32 -18.37 -11.28
CA PRO A 13 3.93 -17.54 -10.14
C PRO A 13 5.03 -16.56 -9.71
N PRO A 14 4.65 -15.42 -9.11
CA PRO A 14 5.71 -14.50 -8.70
C PRO A 14 6.55 -15.11 -7.60
N SER A 15 7.86 -14.89 -7.63
CA SER A 15 8.75 -15.44 -6.61
C SER A 15 8.44 -14.73 -5.31
N GLU A 16 8.78 -15.38 -4.20
CA GLU A 16 8.65 -14.75 -2.90
C GLU A 16 9.36 -13.40 -2.84
N ALA A 17 10.56 -13.30 -3.42
CA ALA A 17 11.28 -12.01 -3.43
C ALA A 17 10.51 -10.95 -4.22
N GLN A 18 9.89 -11.32 -5.34
CA GLN A 18 9.12 -10.33 -6.07
C GLN A 18 7.91 -9.86 -5.27
N VAL A 19 7.29 -10.79 -4.58
CA VAL A 19 6.15 -10.42 -3.76
C VAL A 19 6.59 -9.56 -2.57
N ARG A 20 7.64 -9.98 -1.89
CA ARG A 20 8.18 -9.20 -0.78
C ARG A 20 8.52 -7.78 -1.24
N GLN A 21 9.25 -7.67 -2.34
CA GLN A 21 9.68 -6.36 -2.81
C GLN A 21 8.50 -5.46 -3.17
N ALA A 22 7.51 -6.01 -3.87
CA ALA A 22 6.40 -5.20 -4.27
C ALA A 22 5.59 -4.74 -3.07
N ALA A 23 5.46 -5.61 -2.07
CA ALA A 23 4.61 -5.29 -0.94
C ALA A 23 5.24 -4.16 -0.13
N TRP A 24 6.57 -4.19 0.03
CA TRP A 24 7.21 -3.13 0.83
C TRP A 24 7.30 -1.82 0.05
N ILE A 25 7.53 -1.89 -1.26
CA ILE A 25 7.38 -0.67 -2.07
C ILE A 25 5.95 -0.09 -1.99
N ALA A 26 4.93 -0.94 -1.92
CA ALA A 26 3.55 -0.46 -1.86
C ALA A 26 3.21 0.13 -0.48
N ARG A 27 4.12 -0.01 0.47
CA ARG A 27 3.88 0.63 1.78
C ARG A 27 4.36 2.10 1.76
N CYS A 28 4.83 2.59 0.62
CA CYS A 28 5.19 4.01 0.48
C CYS A 28 4.10 4.86 -0.18
N VAL A 29 2.93 4.27 -0.41
CA VAL A 29 1.83 4.99 -1.00
C VAL A 29 1.40 6.15 -0.06
N GLY A 30 0.99 7.28 -0.63
CA GLY A 30 0.57 8.41 0.16
C GLY A 30 -0.82 8.18 0.71
N ARG A 31 -1.03 8.49 1.98
CA ARG A 31 -2.33 8.21 2.62
C ARG A 31 -2.52 9.14 3.80
N GLY A 32 -3.73 9.69 3.95
CA GLY A 32 -4.02 10.60 5.05
C GLY A 32 -3.11 11.80 5.18
N GLY A 33 -2.54 11.97 6.36
CA GLY A 33 -1.65 13.08 6.63
C GLY A 33 -0.42 13.09 5.74
N SER A 34 -0.05 11.92 5.22
CA SER A 34 1.17 11.76 4.42
C SER A 34 0.94 11.98 2.92
N ALA A 35 -0.32 12.20 2.53
CA ALA A 35 -0.63 12.42 1.11
C ALA A 35 0.02 13.70 0.60
N PRO A 36 0.57 13.68 -0.63
CA PRO A 36 1.36 14.84 -1.04
C PRO A 36 0.54 16.08 -1.36
N LEU A 37 -0.72 15.92 -1.73
CA LEU A 37 -1.56 17.07 -2.01
C LEU A 37 -2.60 17.27 -0.94
N HIS A 38 -2.69 18.49 -0.43
CA HIS A 38 -3.76 18.86 0.48
C HIS A 38 -5.09 18.68 -0.25
N ARG A 39 -6.14 18.31 0.49
CA ARG A 39 -7.45 18.08 -0.11
C ARG A 39 -7.95 19.35 -0.82
N ASP A 40 -7.72 20.50 -0.19
CA ASP A 40 -8.05 21.78 -0.81
C ASP A 40 -7.34 21.95 -2.15
N ASP A 41 -6.10 21.49 -2.25
CA ASP A 41 -5.37 21.60 -3.52
C ASP A 41 -5.89 20.61 -4.58
N VAL A 42 -6.27 19.40 -4.18
CA VAL A 42 -6.82 18.45 -5.15
C VAL A 42 -8.07 19.05 -5.79
N SER A 43 -8.89 19.72 -4.99
CA SER A 43 -10.08 20.41 -5.47
C SER A 43 -9.74 21.55 -6.41
N ALA A 44 -8.76 22.37 -6.04
CA ALA A 44 -8.41 23.55 -6.84
C ALA A 44 -7.81 23.13 -8.19
N LEU A 45 -7.29 21.91 -8.26
CA LEU A 45 -6.62 21.39 -9.46
C LEU A 45 -7.53 20.67 -10.43
N ALA A 46 -8.84 20.86 -10.31
CA ALA A 46 -9.77 20.07 -11.11
C ALA A 46 -9.56 20.19 -12.62
N GLU A 47 -9.07 21.33 -13.10
CA GLU A 47 -8.85 21.51 -14.53
C GLU A 47 -7.48 20.99 -14.99
N THR A 48 -6.66 20.54 -14.05
CA THR A 48 -5.41 19.88 -14.38
C THR A 48 -5.55 18.34 -14.22
N LEU A 49 -6.23 17.91 -13.16
CA LEU A 49 -6.41 16.48 -12.89
C LEU A 49 -7.43 15.87 -13.82
N GLN A 50 -7.07 14.74 -14.45
CA GLN A 50 -8.00 14.01 -15.30
C GLN A 50 -8.81 12.98 -14.54
N VAL A 51 -10.12 12.98 -14.74
CA VAL A 51 -10.99 12.01 -14.08
C VAL A 51 -11.08 10.74 -14.93
N LYS A 52 -10.75 9.61 -14.30
CA LYS A 52 -10.68 8.32 -14.98
C LYS A 52 -11.52 7.32 -14.25
N GLU A 53 -12.44 6.67 -14.95
CA GLU A 53 -13.32 5.73 -14.30
C GLU A 53 -12.94 4.30 -14.67
N PHE A 54 -13.01 3.40 -13.70
CA PHE A 54 -12.64 2.00 -13.92
C PHE A 54 -13.72 1.01 -13.47
N ALA A 55 -14.08 0.10 -14.36
CA ALA A 55 -14.97 -1.01 -14.00
C ALA A 55 -14.15 -2.03 -13.22
N PRO A 56 -14.80 -2.90 -12.45
CA PRO A 56 -14.02 -3.90 -11.71
C PRO A 56 -13.15 -4.76 -12.63
N GLY A 57 -11.91 -5.01 -12.21
CA GLY A 57 -10.98 -5.77 -13.01
C GLY A 57 -10.18 -4.95 -14.02
N ALA A 58 -10.56 -3.70 -14.26
CA ALA A 58 -9.87 -2.88 -15.26
C ALA A 58 -8.53 -2.40 -14.73
N VAL A 59 -7.52 -2.42 -15.59
CA VAL A 59 -6.18 -1.97 -15.19
C VAL A 59 -6.07 -0.46 -15.14
N VAL A 60 -5.57 0.04 -14.02
CA VAL A 60 -5.25 1.44 -13.87
C VAL A 60 -3.84 1.71 -14.38
N PHE A 61 -2.88 0.94 -13.89
CA PHE A 61 -1.52 1.06 -14.40
C PHE A 61 -0.85 -0.31 -14.35
N HIS A 62 0.07 -0.57 -15.28
CA HIS A 62 0.70 -1.88 -15.44
C HIS A 62 2.08 -1.94 -14.76
N ALA A 63 2.43 -3.10 -14.21
CA ALA A 63 3.81 -3.36 -13.77
C ALA A 63 4.77 -3.28 -14.93
N ASP A 64 6.02 -2.93 -14.64
CA ASP A 64 7.13 -2.93 -15.59
C ASP A 64 7.00 -1.88 -16.68
N GLN A 65 6.16 -0.89 -16.40
CA GLN A 65 6.00 0.23 -17.28
C GLN A 65 6.26 1.47 -16.47
N THR A 66 6.83 2.46 -17.14
CA THR A 66 7.10 3.75 -16.51
C THR A 66 5.77 4.40 -16.16
N ALA A 67 5.71 5.04 -14.99
CA ALA A 67 4.53 5.79 -14.58
C ALA A 67 4.14 6.87 -15.59
N ASP A 68 2.89 6.88 -16.01
CA ASP A 68 2.44 7.94 -16.93
C ASP A 68 2.26 9.24 -16.16
N GLY A 69 2.29 9.15 -14.84
CA GLY A 69 2.13 10.31 -13.96
C GLY A 69 1.75 9.85 -12.57
N VAL A 70 0.94 10.66 -11.91
CA VAL A 70 0.55 10.41 -10.54
C VAL A 70 -0.93 10.08 -10.46
N TRP A 71 -1.25 9.02 -9.75
CA TRP A 71 -2.65 8.61 -9.55
C TRP A 71 -3.19 8.93 -8.16
N ILE A 72 -4.39 9.48 -8.09
CA ILE A 72 -5.08 9.71 -6.82
C ILE A 72 -6.44 8.99 -6.79
N VAL A 73 -6.69 8.14 -5.79
CA VAL A 73 -7.98 7.43 -5.76
C VAL A 73 -9.06 8.33 -5.15
N ARG A 74 -10.14 8.55 -5.90
CA ARG A 74 -11.25 9.35 -5.36
C ARG A 74 -12.36 8.46 -4.74
N HIS A 75 -12.77 7.40 -5.42
CA HIS A 75 -13.60 6.39 -4.74
C HIS A 75 -13.33 5.01 -5.30
N GLY A 76 -13.74 4.01 -4.54
CA GLY A 76 -13.45 2.62 -4.85
C GLY A 76 -12.08 2.17 -4.34
N LEU A 77 -11.78 0.91 -4.60
CA LEU A 77 -10.59 0.26 -4.12
C LEU A 77 -9.79 -0.20 -5.34
N ILE A 78 -8.50 0.04 -5.29
CA ILE A 78 -7.59 -0.44 -6.33
C ILE A 78 -6.72 -1.53 -5.74
N GLU A 79 -6.74 -2.74 -6.31
CA GLU A 79 -5.80 -3.77 -5.87
C GLU A 79 -4.43 -3.59 -6.52
N LEU A 80 -3.38 -3.72 -5.73
CA LEU A 80 -2.02 -3.72 -6.23
C LEU A 80 -1.51 -5.16 -6.22
N ALA A 81 -1.00 -5.65 -7.34
CA ALA A 81 -0.62 -7.07 -7.40
C ALA A 81 0.57 -7.33 -8.28
N VAL A 82 1.22 -8.47 -8.04
CA VAL A 82 2.24 -8.97 -8.95
C VAL A 82 1.90 -10.36 -9.43
N GLY A 83 2.57 -10.78 -10.50
CA GLY A 83 2.35 -12.08 -11.11
C GLY A 83 1.34 -11.97 -12.24
N SER A 84 1.28 -12.99 -13.09
CA SER A 84 0.27 -13.03 -14.15
C SER A 84 -1.11 -13.07 -13.51
N ARG A 85 -2.13 -12.63 -14.25
CA ARG A 85 -3.51 -12.60 -13.76
C ARG A 85 -3.91 -13.87 -13.02
N ARG A 86 -3.56 -15.01 -13.61
CA ARG A 86 -3.85 -16.31 -13.05
C ARG A 86 -3.22 -16.54 -11.67
N ARG A 87 -1.92 -16.32 -11.58
CA ARG A 87 -1.17 -16.64 -10.36
C ARG A 87 -0.90 -15.38 -9.52
N ARG A 88 -1.87 -14.49 -9.56
CA ARG A 88 -1.82 -13.15 -8.93
C ARG A 88 -1.59 -13.14 -7.43
N ALA A 89 -0.62 -12.36 -6.95
CA ALA A 89 -0.50 -12.07 -5.52
C ALA A 89 -0.78 -10.60 -5.25
N VAL A 90 -1.82 -10.36 -4.45
CA VAL A 90 -2.20 -9.02 -4.05
C VAL A 90 -1.33 -8.53 -2.90
N VAL A 91 -0.66 -7.41 -3.07
CA VAL A 91 0.29 -6.97 -2.03
C VAL A 91 -0.22 -5.79 -1.23
N ASN A 92 -1.26 -5.13 -1.75
CA ASN A 92 -1.83 -3.99 -1.06
C ASN A 92 -3.13 -3.58 -1.74
N ILE A 93 -3.93 -2.76 -1.05
CA ILE A 93 -5.18 -2.20 -1.58
C ILE A 93 -5.18 -0.69 -1.40
N LEU A 94 -5.40 0.06 -2.47
CA LEU A 94 -5.50 1.51 -2.34
C LEU A 94 -6.92 1.91 -2.04
N HIS A 95 -7.06 2.74 -1.01
CA HIS A 95 -8.35 3.31 -0.60
C HIS A 95 -8.46 4.75 -1.09
N PRO A 96 -9.68 5.33 -1.04
CA PRO A 96 -9.93 6.73 -1.39
C PRO A 96 -8.97 7.66 -0.67
N GLY A 97 -8.39 8.62 -1.37
CA GLY A 97 -7.37 9.49 -0.80
C GLY A 97 -5.94 9.03 -1.05
N ASP A 98 -5.73 7.77 -1.41
CA ASP A 98 -4.36 7.26 -1.58
C ASP A 98 -3.73 7.77 -2.87
N VAL A 99 -2.41 7.94 -2.85
CA VAL A 99 -1.68 8.49 -3.98
C VAL A 99 -0.55 7.55 -4.37
N ASP A 100 -0.40 7.23 -5.65
CA ASP A 100 0.74 6.39 -6.07
C ASP A 100 1.26 6.87 -7.42
N GLY A 101 2.45 6.41 -7.78
CA GLY A 101 3.08 6.84 -9.02
C GLY A 101 4.14 7.91 -8.83
N ASP A 102 4.00 8.78 -7.83
CA ASP A 102 4.93 9.90 -7.72
C ASP A 102 6.36 9.46 -7.30
N ILE A 103 6.49 8.55 -6.32
CA ILE A 103 7.83 8.11 -5.94
C ILE A 103 8.56 7.38 -7.07
N PRO A 104 7.92 6.40 -7.74
CA PRO A 104 8.61 5.85 -8.92
C PRO A 104 9.04 6.91 -9.93
N LEU A 105 8.18 7.88 -10.18
CA LEU A 105 8.52 8.95 -11.12
C LEU A 105 9.77 9.71 -10.65
N LEU A 106 9.81 10.00 -9.36
CA LEU A 106 10.97 10.68 -8.78
C LEU A 106 12.24 9.81 -8.75
N LEU A 107 12.07 8.50 -8.70
CA LEU A 107 13.22 7.58 -8.80
C LEU A 107 13.58 7.22 -10.24
N GLU A 108 12.78 7.70 -11.21
CA GLU A 108 12.91 7.30 -12.62
C GLU A 108 12.82 5.78 -12.76
N PRO A 110 10.22 2.23 -13.24
CA PRO A 110 8.93 1.69 -13.63
C PRO A 110 8.12 1.25 -12.40
N VAL A 112 6.34 -1.46 -10.08
CA VAL A 112 6.71 -2.88 -9.95
C VAL A 112 5.48 -3.74 -9.66
N TYR A 113 4.33 -3.11 -9.56
CA TYR A 113 3.09 -3.84 -9.44
C TYR A 113 2.01 -3.24 -10.35
N THR A 114 0.97 -4.03 -10.60
CA THR A 114 -0.16 -3.63 -11.43
C THR A 114 -1.29 -3.17 -10.52
N GLY A 115 -1.92 -2.04 -10.85
CA GLY A 115 -3.09 -1.61 -10.14
C GLY A 115 -4.35 -1.94 -10.95
N ARG A 116 -5.30 -2.65 -10.33
CA ARG A 116 -6.55 -3.06 -11.00
C ARG A 116 -7.70 -2.63 -10.13
N ALA A 117 -8.74 -2.04 -10.73
CA ALA A 117 -9.91 -1.73 -9.92
C ALA A 117 -10.49 -3.01 -9.31
N LEU A 118 -10.71 -2.99 -7.99
CA LEU A 118 -11.34 -4.10 -7.30
C LEU A 118 -12.85 -3.92 -7.38
N THR A 119 -13.28 -2.74 -6.97
CA THR A 119 -14.69 -2.33 -7.10
C THR A 119 -14.75 -1.37 -8.29
N GLN A 120 -15.92 -0.88 -8.66
CA GLN A 120 -15.93 0.30 -9.54
C GLN A 120 -15.11 1.39 -8.85
N ALA A 121 -14.35 2.15 -9.63
CA ALA A 121 -13.46 3.13 -9.04
C ALA A 121 -13.34 4.35 -9.93
N THR A 122 -12.99 5.46 -9.28
CA THR A 122 -12.70 6.69 -9.98
C THR A 122 -11.36 7.19 -9.45
N CYS A 123 -10.46 7.53 -10.37
CA CYS A 123 -9.12 7.98 -10.01
C CYS A 123 -8.87 9.30 -10.70
N LEU A 124 -8.15 10.19 -10.02
CA LEU A 124 -7.66 11.40 -10.65
C LEU A 124 -6.23 11.19 -11.12
N PHE A 125 -5.94 11.68 -12.32
CA PHE A 125 -4.65 11.44 -12.93
C PHE A 125 -3.93 12.75 -13.23
N LEU A 126 -2.72 12.87 -12.72
CA LEU A 126 -1.84 14.00 -12.98
C LEU A 126 -0.72 13.53 -13.92
N ASP A 127 -0.78 13.89 -15.20
CA ASP A 127 0.21 13.36 -16.13
C ASP A 127 1.59 13.95 -15.84
N ARG A 128 2.65 13.25 -16.24
CA ARG A 128 4.00 13.62 -15.81
C ARG A 128 4.37 15.03 -16.25
N GLN A 129 3.96 15.44 -17.44
CA GLN A 129 4.21 16.82 -17.86
C GLN A 129 3.55 17.84 -16.91
N ALA A 130 2.31 17.58 -16.51
CA ALA A 130 1.56 18.48 -15.66
C ALA A 130 2.19 18.50 -14.27
N PHE A 131 2.67 17.34 -13.84
CA PHE A 131 3.36 17.18 -12.57
C PHE A 131 4.63 18.03 -12.53
N GLU A 132 5.43 17.93 -13.57
CA GLU A 132 6.67 18.72 -13.62
C GLU A 132 6.35 20.22 -13.64
N ARG A 133 5.32 20.61 -14.40
CA ARG A 133 4.91 22.01 -14.48
C ARG A 133 4.46 22.53 -13.13
N LEU A 134 3.63 21.74 -12.45
CA LEU A 134 3.12 22.03 -11.12
C LEU A 134 4.22 22.31 -10.08
N LEU A 135 5.17 21.38 -9.96
CA LEU A 135 6.32 21.58 -9.07
C LEU A 135 7.15 22.80 -9.46
N ALA A 136 7.23 23.11 -10.74
CA ALA A 136 8.06 24.21 -11.17
C ALA A 136 7.40 25.57 -10.94
N THR A 137 6.08 25.60 -10.83
CA THR A 137 5.39 26.89 -10.80
C THR A 137 4.68 27.21 -9.48
N HIS A 138 4.51 26.20 -8.64
CA HIS A 138 3.81 26.35 -7.36
C HIS A 138 4.66 25.85 -6.22
N PRO A 139 5.53 26.72 -5.71
CA PRO A 139 6.51 26.31 -4.71
C PRO A 139 5.89 25.71 -3.44
N ALA A 140 4.72 26.19 -3.02
CA ALA A 140 4.08 25.63 -1.82
C ALA A 140 3.71 24.17 -2.02
N ILE A 141 3.28 23.82 -3.21
CA ILE A 141 2.89 22.44 -3.48
C ILE A 141 4.14 21.57 -3.53
N ALA A 142 5.20 22.09 -4.14
CA ALA A 142 6.48 21.42 -4.17
C ALA A 142 7.01 21.17 -2.77
N ARG A 143 6.90 22.18 -1.90
CA ARG A 143 7.47 22.08 -0.55
C ARG A 143 6.73 20.98 0.23
N ARG A 144 5.41 20.96 0.10
CA ARG A 144 4.65 19.91 0.80
C ARG A 144 4.97 18.53 0.24
N TRP A 145 5.20 18.44 -1.07
CA TRP A 145 5.50 17.17 -1.71
C TRP A 145 6.80 16.58 -1.18
N LEU A 146 7.74 17.46 -0.91
CA LEU A 146 9.01 17.07 -0.34
C LEU A 146 8.83 16.47 1.06
N SER A 147 8.05 17.10 1.90
CA SER A 147 7.83 16.54 3.23
C SER A 147 7.06 15.22 3.14
N SER A 148 6.12 15.16 2.20
CA SER A 148 5.33 13.92 1.99
C SER A 148 6.21 12.75 1.61
N VAL A 149 7.11 12.94 0.64
CA VAL A 149 7.97 11.86 0.20
C VAL A 149 8.85 11.42 1.36
N ALA A 150 9.41 12.39 2.07
CA ALA A 150 10.24 12.04 3.23
C ALA A 150 9.46 11.25 4.26
N GLN A 151 8.23 11.67 4.54
CA GLN A 151 7.42 11.01 5.59
C GLN A 151 7.08 9.58 5.16
N ARG A 152 6.73 9.44 3.90
CA ARG A 152 6.24 8.13 3.47
C ARG A 152 7.35 7.06 3.47
N VAL A 153 8.53 7.43 2.95
CA VAL A 153 9.55 6.39 2.87
C VAL A 153 10.19 6.18 4.24
N SER A 154 10.29 7.23 5.02
N SER A 154 10.28 7.23 5.02
CA SER A 154 10.84 7.06 6.37
CA SER A 154 10.83 7.09 6.36
C SER A 154 9.94 6.17 7.24
C SER A 154 9.95 6.21 7.25
N THR A 155 8.62 6.31 7.11
CA THR A 155 7.71 5.44 7.87
C THR A 155 7.87 3.96 7.53
N ALA A 156 8.05 3.68 6.23
CA ALA A 156 8.33 2.31 5.80
C ALA A 156 9.66 1.79 6.34
N GLN A 157 10.69 2.63 6.27
CA GLN A 157 12.00 2.31 6.81
C GLN A 157 11.96 1.98 8.30
N ILE A 158 11.22 2.77 9.06
CA ILE A 158 11.04 2.50 10.49
C ILE A 158 10.35 1.18 10.78
N ARG A 159 9.36 0.82 9.96
CA ARG A 159 8.74 -0.48 10.17
C ARG A 159 9.71 -1.63 9.93
N LEU A 160 10.50 -1.53 8.86
CA LEU A 160 11.47 -2.58 8.52
C LEU A 160 12.55 -2.73 9.60
N GLY A 162 12.51 -1.98 12.71
CA GLY A 162 12.01 -2.51 13.96
C GLY A 162 11.81 -4.01 13.95
N LEU A 164 13.89 -6.30 12.21
CA LEU A 164 15.14 -7.03 12.04
C LEU A 164 15.65 -7.72 13.30
N GLY A 165 16.04 -8.97 13.16
CA GLY A 165 16.57 -9.73 14.28
C GLY A 165 15.55 -10.21 15.29
N ARG A 166 14.30 -9.77 15.16
CA ARG A 166 13.25 -10.19 16.09
C ARG A 166 12.78 -11.58 15.69
N PRO A 167 12.37 -12.40 16.68
CA PRO A 167 11.81 -13.72 16.40
C PRO A 167 10.58 -13.59 15.54
N LEU A 168 10.35 -14.57 14.70
CA LEU A 168 9.26 -14.52 13.76
C LEU A 168 7.90 -14.20 14.41
N PRO A 169 7.56 -14.82 15.56
CA PRO A 169 6.24 -14.46 16.12
C PRO A 169 6.12 -12.95 16.42
N ALA A 170 7.18 -12.34 16.92
CA ALA A 170 7.14 -10.90 17.18
C ALA A 170 7.04 -10.10 15.90
N GLN A 171 7.70 -10.58 14.85
CA GLN A 171 7.60 -9.91 13.55
C GLN A 171 6.15 -9.96 13.01
N VAL A 172 5.50 -11.11 13.15
CA VAL A 172 4.14 -11.27 12.66
C VAL A 172 3.18 -10.38 13.48
N ALA A 173 3.39 -10.37 14.79
CA ALA A 173 2.61 -9.48 15.66
C ALA A 173 2.73 -8.03 15.21
N GLN A 174 3.96 -7.57 15.01
CA GLN A 174 4.17 -6.19 14.58
C GLN A 174 3.54 -5.92 13.21
N LEU A 175 3.73 -6.87 12.30
CA LEU A 175 3.24 -6.68 10.95
C LEU A 175 1.71 -6.54 10.97
N LEU A 176 1.05 -7.39 11.75
CA LEU A 176 -0.40 -7.32 11.89
C LEU A 176 -0.84 -5.96 12.42
N LEU A 177 -0.15 -5.48 13.45
CA LEU A 177 -0.51 -4.22 14.05
C LEU A 177 -0.34 -3.07 13.07
N ASP A 178 0.72 -3.13 12.27
CA ASP A 178 1.02 -2.07 11.31
C ASP A 178 0.09 -2.13 10.08
N GLU A 179 -0.32 -3.33 9.69
CA GLU A 179 -1.20 -3.52 8.52
C GLU A 179 -2.67 -3.20 8.77
N ALA A 180 -3.06 -3.32 10.04
CA ALA A 180 -4.48 -3.20 10.41
C ALA A 180 -5.12 -1.88 10.02
N ILE A 181 -6.30 -1.99 9.42
CA ILE A 181 -7.18 -0.85 9.16
C ILE A 181 -8.47 -1.14 9.89
N ASP A 182 -8.79 -0.34 10.90
CA ASP A 182 -9.96 -0.59 11.74
C ASP A 182 -9.89 -2.01 12.29
N ALA A 183 -8.70 -2.40 12.72
CA ALA A 183 -8.44 -3.70 13.37
C ALA A 183 -8.56 -4.88 12.42
N ARG A 184 -8.56 -4.62 11.11
CA ARG A 184 -8.67 -5.72 10.15
C ARG A 184 -7.52 -5.76 9.18
N ILE A 185 -7.11 -6.98 8.83
CA ILE A 185 -6.08 -7.24 7.85
C ILE A 185 -6.65 -8.18 6.78
N GLU A 186 -6.77 -7.71 5.55
CA GLU A 186 -7.33 -8.55 4.49
C GLU A 186 -6.29 -9.03 3.46
N LEU A 187 -5.04 -9.18 3.88
CA LEU A 187 -4.01 -9.66 2.98
C LEU A 187 -3.87 -11.16 3.13
N ALA A 188 -3.48 -11.84 2.08
CA ALA A 188 -3.33 -13.29 2.13
C ALA A 188 -2.18 -13.65 3.05
N GLN A 189 -2.28 -14.78 3.73
CA GLN A 189 -1.17 -15.26 4.57
C GLN A 189 0.13 -15.49 3.78
N ARG A 190 0.00 -15.93 2.53
CA ARG A 190 1.18 -16.07 1.66
C ARG A 190 1.91 -14.73 1.47
N THR A 191 1.17 -13.64 1.37
CA THR A 191 1.76 -12.32 1.21
C THR A 191 2.38 -11.82 2.51
N LEU A 192 1.68 -12.02 3.61
CA LEU A 192 2.23 -11.69 4.92
C LEU A 192 3.55 -12.43 5.14
N ALA A 193 3.56 -13.72 4.80
CA ALA A 193 4.75 -14.52 4.95
C ALA A 193 5.89 -13.97 4.08
N ALA A 194 5.60 -13.66 2.81
CA ALA A 194 6.62 -13.14 1.91
C ALA A 194 7.22 -11.82 2.43
N LEU A 196 7.83 -11.01 5.33
CA LEU A 196 8.79 -11.29 6.40
C LEU A 196 9.90 -12.24 6.00
N GLY A 197 9.96 -12.58 4.71
CA GLY A 197 11.01 -13.46 4.23
C GLY A 197 10.78 -14.88 4.71
N ALA A 198 9.52 -15.17 5.05
CA ALA A 198 9.12 -16.46 5.64
C ALA A 198 8.19 -17.28 4.74
N GLN A 199 7.91 -18.51 5.17
CA GLN A 199 7.01 -19.42 4.45
C GLN A 199 5.62 -19.36 5.04
N ARG A 200 4.60 -19.57 4.21
CA ARG A 200 3.21 -19.59 4.68
C ARG A 200 2.94 -20.55 5.87
N PRO A 201 3.47 -21.79 5.84
CA PRO A 201 3.20 -22.66 6.99
C PRO A 201 3.69 -22.09 8.33
N SER A 202 4.81 -21.36 8.30
CA SER A 202 5.34 -20.73 9.50
C SER A 202 4.40 -19.65 9.99
N ILE A 203 3.91 -18.82 9.09
CA ILE A 203 2.97 -17.77 9.46
C ILE A 203 1.68 -18.38 9.96
N ASN A 204 1.20 -19.45 9.32
CA ASN A 204 -0.07 -20.04 9.74
C ASN A 204 0.00 -20.59 11.17
N LYS A 205 1.11 -21.23 11.52
CA LYS A 205 1.31 -21.76 12.85
C LYS A 205 1.23 -20.66 13.92
N ILE A 206 1.90 -19.54 13.63
CA ILE A 206 1.91 -18.39 14.53
C ILE A 206 0.52 -17.75 14.64
N LEU A 207 -0.18 -17.64 13.53
CA LEU A 207 -1.54 -17.12 13.56
C LEU A 207 -2.49 -18.04 14.39
N LYS A 208 -2.30 -19.34 14.26
CA LYS A 208 -3.10 -20.28 15.05
C LYS A 208 -2.87 -20.09 16.55
N GLU A 209 -1.61 -19.84 16.92
CA GLU A 209 -1.24 -19.61 18.31
C GLU A 209 -1.84 -18.32 18.84
N PHE A 210 -1.73 -17.26 18.06
CA PHE A 210 -2.35 -15.98 18.40
C PHE A 210 -3.86 -16.13 18.56
N GLU A 211 -4.49 -16.89 17.66
CA GLU A 211 -5.91 -17.19 17.74
C GLU A 211 -6.26 -17.95 19.04
N ARG A 212 -5.43 -18.93 19.40
CA ARG A 212 -5.69 -19.69 20.62
C ARG A 212 -5.56 -18.80 21.86
N ASP A 213 -4.64 -17.84 21.82
CA ASP A 213 -4.46 -16.94 22.95
C ASP A 213 -5.46 -15.77 22.95
N ARG A 214 -6.38 -15.81 21.99
CA ARG A 214 -7.44 -14.81 21.83
C ARG A 214 -6.90 -13.41 21.51
N LEU A 215 -5.82 -13.36 20.73
CA LEU A 215 -5.25 -12.09 20.29
C LEU A 215 -5.87 -11.63 18.98
N ILE A 216 -6.22 -12.60 18.13
CA ILE A 216 -6.84 -12.34 16.83
C ILE A 216 -7.94 -13.34 16.54
N THR A 217 -8.78 -13.02 15.56
CA THR A 217 -9.72 -13.98 15.01
C THR A 217 -9.38 -14.13 13.55
N VAL A 218 -9.38 -15.36 13.05
CA VAL A 218 -9.01 -15.58 11.66
C VAL A 218 -10.23 -16.13 10.91
N GLY A 219 -10.92 -15.26 10.20
CA GLY A 219 -12.06 -15.68 9.39
C GLY A 219 -11.62 -16.28 8.07
N TYR A 220 -12.53 -16.30 7.10
CA TYR A 220 -12.23 -16.87 5.79
C TYR A 220 -11.15 -16.08 5.06
N ALA A 221 -11.34 -14.78 4.89
CA ALA A 221 -10.37 -13.96 4.16
C ALA A 221 -9.69 -12.90 5.05
N VAL A 222 -10.24 -12.71 6.24
CA VAL A 222 -9.79 -11.58 7.06
C VAL A 222 -9.20 -12.04 8.40
N ILE A 223 -8.16 -11.34 8.83
CA ILE A 223 -7.68 -11.44 10.20
C ILE A 223 -8.19 -10.20 10.95
N GLU A 224 -8.87 -10.41 12.07
CA GLU A 224 -9.25 -9.30 12.96
C GLU A 224 -8.41 -9.32 14.24
N ILE A 225 -7.91 -8.16 14.63
CA ILE A 225 -7.19 -8.05 15.91
C ILE A 225 -8.21 -7.95 17.05
N THR A 226 -8.22 -8.94 17.94
CA THR A 226 -9.22 -8.90 19.00
C THR A 226 -8.67 -8.31 20.29
N ASP A 227 -7.36 -8.40 20.51
CA ASP A 227 -6.73 -7.78 21.69
C ASP A 227 -5.45 -7.05 21.32
N GLN A 228 -5.60 -5.74 21.06
CA GLN A 228 -4.48 -4.93 20.57
C GLN A 228 -3.33 -4.83 21.58
N HIS A 229 -3.67 -4.59 22.85
CA HIS A 229 -2.63 -4.44 23.87
C HIS A 229 -1.84 -5.74 24.03
N GLY A 230 -2.55 -6.86 23.98
CA GLY A 230 -1.91 -8.15 24.12
C GLY A 230 -1.02 -8.41 22.92
N LEU A 231 -1.47 -8.00 21.74
CA LEU A 231 -0.69 -8.25 20.55
C LEU A 231 0.56 -7.36 20.52
N ARG A 232 0.43 -6.14 21.03
CA ARG A 232 1.59 -5.23 21.15
C ARG A 232 2.67 -5.82 22.03
N ALA A 233 2.24 -6.57 23.06
CA ALA A 233 3.18 -7.16 24.00
C ALA A 233 3.92 -8.33 23.36
N ARG A 234 3.28 -8.98 22.39
CA ARG A 234 3.91 -10.07 21.64
C ARG A 234 4.91 -9.52 20.63
N ALA A 235 4.69 -8.30 20.21
CA ALA A 235 5.59 -7.67 19.24
C ALA A 235 6.87 -7.25 19.93
N GLN A 236 6.83 -7.28 21.26
CA GLN A 236 7.91 -6.88 22.16
C GLN A 236 8.12 -5.37 22.16
#